data_6ZGQ
#
_entry.id   6ZGQ
#
_cell.length_a   41.504
_cell.length_b   45.060
_cell.length_c   46.281
_cell.angle_alpha   65.450
_cell.angle_beta   77.510
_cell.angle_gamma   69.350
#
_symmetry.space_group_name_H-M   'P 1'
#
loop_
_entity.id
_entity.type
_entity.pdbx_description
1 polymer 'AceL NrdHF-1-1 Intein'
2 non-polymer 'IODIDE ION'
3 water water
#
_entity_poly.entity_id   1
_entity_poly.type   'polypeptide(L)'
_entity_poly.pdbx_seq_one_letter_code
;MSIRDEALLVGTKVTTKAGDKNIENITLEDEVLQFDMNTKDFSYTNPTKTQKVIRDEIYHFEGAGFDQKVSPNHRMIYEQ
GGEIKECLAKDFEPSEDKYFIIVEGSHMQIKRIKSTDVKITHTKLDEPTEFHALSVPGKSFVVTDEHGNRSVTGASMHVE
GKLGG
;
_entity_poly.pdbx_strand_id   A,B
#
loop_
_chem_comp.id
_chem_comp.type
_chem_comp.name
_chem_comp.formula
IOD non-polymer 'IODIDE ION' 'I -1'
#
# COMPACT_ATOMS: atom_id res chain seq x y z
N ASP A 5 13.95 -2.55 19.42
CA ASP A 5 14.24 -3.82 20.14
C ASP A 5 13.35 -4.93 19.57
N GLU A 6 12.02 -4.73 19.65
CA GLU A 6 10.97 -5.66 19.16
C GLU A 6 10.17 -4.97 18.03
N ALA A 7 10.87 -4.20 17.19
CA ALA A 7 10.30 -3.15 16.34
C ALA A 7 10.40 -3.49 14.85
N LEU A 8 9.67 -2.73 14.01
CA LEU A 8 9.65 -2.87 12.54
C LEU A 8 10.33 -1.65 11.91
N LEU A 9 11.05 -1.87 10.80
CA LEU A 9 11.79 -0.80 10.09
C LEU A 9 10.83 0.33 9.76
N VAL A 10 11.29 1.58 9.91
CA VAL A 10 10.50 2.78 9.55
C VAL A 10 9.98 2.61 8.12
N GLY A 11 8.75 3.07 7.88
CA GLY A 11 8.15 3.06 6.56
C GLY A 11 7.42 1.77 6.24
N THR A 12 7.55 0.76 7.10
CA THR A 12 6.64 -0.40 7.09
C THR A 12 5.22 0.14 7.20
N LYS A 13 4.33 -0.24 6.26
CA LYS A 13 2.92 0.18 6.30
C LYS A 13 2.12 -0.78 7.18
N VAL A 14 1.22 -0.22 8.00
CA VAL A 14 0.31 -0.97 8.88
C VAL A 14 -1.09 -0.81 8.28
N THR A 15 -1.78 -1.93 8.03
CA THR A 15 -3.15 -1.90 7.49
C THR A 15 -4.10 -1.42 8.58
N THR A 16 -4.88 -0.38 8.25
CA THR A 16 -5.87 0.26 9.13
C THR A 16 -7.23 0.19 8.41
N LYS A 17 -8.32 0.62 9.08
CA LYS A 17 -9.66 0.65 8.49
C LYS A 17 -9.73 1.58 7.28
N ALA A 18 -8.90 2.64 7.26
CA ALA A 18 -8.92 3.65 6.20
C ALA A 18 -8.00 3.29 5.02
N GLY A 19 -6.90 2.56 5.28
CA GLY A 19 -5.91 2.24 4.24
C GLY A 19 -4.65 1.64 4.81
N ASP A 20 -3.51 1.88 4.14
CA ASP A 20 -2.19 1.38 4.55
C ASP A 20 -1.30 2.55 5.00
N LYS A 21 -1.10 2.67 6.31
CA LYS A 21 -0.49 3.85 6.97
C LYS A 21 0.92 3.51 7.43
N ASN A 22 1.88 4.38 7.05
CA ASN A 22 3.28 4.31 7.50
C ASN A 22 3.30 4.14 9.01
N ILE A 23 4.00 3.11 9.50
CA ILE A 23 3.98 2.74 10.92
C ILE A 23 4.37 3.94 11.80
N GLU A 24 5.32 4.76 11.33
CA GLU A 24 5.81 5.93 12.10
C GLU A 24 4.73 6.99 12.29
N ASN A 25 3.62 6.87 11.55
CA ASN A 25 2.48 7.81 11.63
C ASN A 25 1.29 7.24 12.41
N ILE A 26 1.38 5.98 12.87
CA ILE A 26 0.31 5.34 13.67
C ILE A 26 0.24 6.03 15.05
N THR A 27 -0.97 6.39 15.47
CA THR A 27 -1.27 6.93 16.81
C THR A 27 -2.19 5.94 17.53
N LEU A 28 -2.48 6.22 18.81
CA LEU A 28 -3.37 5.40 19.64
C LEU A 28 -4.84 5.53 19.13
N GLU A 29 -5.11 6.56 18.32
CA GLU A 29 -6.45 6.83 17.76
C GLU A 29 -6.69 6.12 16.41
N ASP A 30 -5.66 5.49 15.84
CA ASP A 30 -5.81 4.73 14.58
C ASP A 30 -6.50 3.40 14.86
N GLU A 31 -7.20 2.87 13.85
CA GLU A 31 -7.91 1.60 13.90
C GLU A 31 -7.13 0.57 13.07
N VAL A 32 -6.23 -0.17 13.72
N VAL A 32 -6.30 -0.23 13.75
CA VAL A 32 -5.30 -1.09 13.05
CA VAL A 32 -5.33 -1.13 13.12
C VAL A 32 -5.91 -2.49 12.95
C VAL A 32 -5.96 -2.51 12.95
N LEU A 33 -5.75 -3.13 11.80
CA LEU A 33 -6.21 -4.52 11.55
C LEU A 33 -5.32 -5.45 12.37
N GLN A 34 -5.88 -5.98 13.47
CA GLN A 34 -5.19 -6.96 14.33
C GLN A 34 -5.64 -8.36 13.92
N PHE A 35 -4.83 -9.35 14.31
CA PHE A 35 -5.11 -10.79 14.16
C PHE A 35 -4.97 -11.40 15.57
N ASP A 36 -6.07 -11.98 16.07
CA ASP A 36 -6.08 -12.57 17.43
C ASP A 36 -5.43 -13.95 17.34
N MET A 37 -4.31 -14.14 18.08
CA MET A 37 -3.51 -15.38 18.02
C MET A 37 -4.28 -16.59 18.58
N ASN A 38 -5.19 -16.34 19.53
CA ASN A 38 -5.98 -17.39 20.19
C ASN A 38 -7.17 -17.85 19.31
N THR A 39 -7.82 -16.90 18.61
CA THR A 39 -9.07 -17.15 17.88
C THR A 39 -8.89 -17.18 16.35
N LYS A 40 -7.78 -16.62 15.85
CA LYS A 40 -7.48 -16.49 14.39
C LYS A 40 -8.45 -15.55 13.68
N ASP A 41 -9.15 -14.69 14.45
CA ASP A 41 -10.10 -13.71 13.92
C ASP A 41 -9.39 -12.37 13.68
N PHE A 42 -9.79 -11.68 12.60
CA PHE A 42 -9.37 -10.32 12.24
C PHE A 42 -10.36 -9.28 12.81
N SER A 43 -9.84 -8.18 13.33
CA SER A 43 -10.68 -7.05 13.78
C SER A 43 -9.85 -5.76 13.82
N TYR A 44 -10.52 -4.60 13.78
CA TYR A 44 -9.86 -3.29 13.94
C TYR A 44 -9.94 -2.89 15.41
N THR A 45 -8.77 -2.54 15.99
N THR A 45 -8.77 -2.52 15.98
CA THR A 45 -8.64 -2.11 17.40
CA THR A 45 -8.64 -2.12 17.40
C THR A 45 -7.65 -0.95 17.44
C THR A 45 -7.63 -0.97 17.46
N ASN A 46 -7.71 -0.13 18.50
CA ASN A 46 -6.74 0.95 18.74
C ASN A 46 -5.48 0.32 19.34
N PRO A 47 -4.28 0.72 18.87
CA PRO A 47 -3.06 0.34 19.58
C PRO A 47 -3.09 0.93 20.99
N THR A 48 -2.53 0.20 21.97
CA THR A 48 -2.44 0.64 23.37
C THR A 48 -1.07 1.28 23.66
N LYS A 49 -0.07 1.02 22.81
CA LYS A 49 1.19 1.79 22.83
C LYS A 49 1.89 1.74 21.47
N THR A 50 2.60 2.83 21.15
CA THR A 50 3.52 2.95 20.00
C THR A 50 4.92 3.21 20.57
N GLN A 51 5.96 2.69 19.90
CA GLN A 51 7.35 2.79 20.36
C GLN A 51 8.20 3.28 19.18
N LYS A 52 9.18 4.15 19.49
CA LYS A 52 10.18 4.65 18.54
C LYS A 52 11.56 4.30 19.13
N VAL A 53 12.36 3.55 18.36
CA VAL A 53 13.72 3.17 18.76
C VAL A 53 14.63 3.33 17.53
N ILE A 54 15.92 3.60 17.75
CA ILE A 54 16.92 3.75 16.68
C ILE A 54 17.96 2.63 16.83
N ARG A 55 18.05 1.73 15.85
CA ARG A 55 18.99 0.59 15.84
C ARG A 55 19.72 0.50 14.50
N ASP A 56 20.71 -0.39 14.41
CA ASP A 56 21.53 -0.58 13.20
C ASP A 56 21.68 -2.06 12.81
N GLU A 57 20.74 -2.91 13.21
CA GLU A 57 20.70 -4.28 12.68
C GLU A 57 19.25 -4.73 12.46
N ILE A 58 19.07 -5.52 11.41
N ILE A 58 19.08 -5.57 11.44
CA ILE A 58 17.75 -5.85 10.86
CA ILE A 58 17.79 -5.86 10.81
C ILE A 58 17.76 -7.32 10.40
C ILE A 58 17.75 -7.32 10.37
N TYR A 59 16.61 -7.99 10.56
CA TYR A 59 16.29 -9.31 9.98
C TYR A 59 15.25 -9.11 8.89
N HIS A 60 15.65 -9.39 7.64
CA HIS A 60 14.82 -9.25 6.44
C HIS A 60 14.40 -10.64 5.99
N PHE A 61 13.11 -10.95 6.21
CA PHE A 61 12.43 -12.17 5.74
C PHE A 61 11.82 -11.86 4.36
N GLU A 62 12.14 -12.67 3.34
CA GLU A 62 11.68 -12.42 1.95
C GLU A 62 11.42 -13.74 1.19
N GLY A 63 10.20 -13.90 0.70
CA GLY A 63 9.85 -15.01 -0.21
C GLY A 63 8.36 -15.18 -0.36
N ALA A 64 7.92 -15.46 -1.59
CA ALA A 64 6.56 -15.93 -1.93
C ALA A 64 5.44 -15.01 -1.42
N GLY A 65 5.62 -13.69 -1.61
CA GLY A 65 4.63 -12.66 -1.22
C GLY A 65 4.73 -12.23 0.23
N PHE A 66 5.73 -12.76 0.95
CA PHE A 66 6.05 -12.39 2.34
C PHE A 66 7.33 -11.54 2.35
N ASP A 67 7.23 -10.33 2.92
CA ASP A 67 8.40 -9.46 3.15
C ASP A 67 8.20 -8.69 4.45
N GLN A 68 9.08 -8.93 5.44
CA GLN A 68 9.12 -8.19 6.71
C GLN A 68 10.58 -7.81 7.02
N LYS A 69 10.77 -6.58 7.47
CA LYS A 69 12.07 -6.03 7.88
C LYS A 69 11.90 -5.62 9.35
N VAL A 70 12.52 -6.40 10.25
CA VAL A 70 12.23 -6.36 11.68
C VAL A 70 13.53 -6.31 12.50
N SER A 71 13.42 -5.85 13.76
N SER A 71 13.42 -5.85 13.76
CA SER A 71 14.54 -5.86 14.72
CA SER A 71 14.51 -5.87 14.74
C SER A 71 14.82 -7.30 15.17
C SER A 71 14.82 -7.31 15.16
N PRO A 72 16.04 -7.56 15.69
CA PRO A 72 16.38 -8.92 16.17
C PRO A 72 15.36 -9.58 17.11
N ASN A 73 14.77 -8.81 18.02
CA ASN A 73 13.85 -9.34 19.06
C ASN A 73 12.38 -9.09 18.73
N HIS A 74 12.10 -8.71 17.48
CA HIS A 74 10.73 -8.60 16.97
C HIS A 74 10.07 -9.98 16.97
N ARG A 75 8.79 -10.05 17.36
CA ARG A 75 8.04 -11.30 17.43
C ARG A 75 7.54 -11.67 16.01
N MET A 76 8.06 -12.77 15.47
CA MET A 76 7.56 -13.34 14.21
C MET A 76 6.40 -14.27 14.55
N ILE A 77 5.32 -14.18 13.76
CA ILE A 77 4.07 -14.92 13.96
C ILE A 77 3.96 -15.93 12.81
N TYR A 78 3.76 -17.20 13.17
CA TYR A 78 3.62 -18.29 12.20
C TYR A 78 2.58 -19.27 12.74
N GLU A 79 2.04 -20.10 11.84
CA GLU A 79 1.16 -21.22 12.19
C GLU A 79 2.01 -22.50 12.16
N GLN A 80 1.81 -23.37 13.15
CA GLN A 80 2.37 -24.73 13.20
C GLN A 80 1.31 -25.66 13.82
N GLY A 81 1.03 -26.78 13.16
CA GLY A 81 -0.19 -27.57 13.43
C GLY A 81 -1.39 -26.68 13.18
N GLY A 82 -2.32 -26.64 14.14
CA GLY A 82 -3.50 -25.77 14.08
C GLY A 82 -3.38 -24.51 14.93
N GLU A 83 -2.20 -24.28 15.53
CA GLU A 83 -1.98 -23.24 16.55
C GLU A 83 -1.16 -22.09 15.96
N ILE A 84 -1.42 -20.85 16.43
CA ILE A 84 -0.63 -19.66 16.09
C ILE A 84 0.46 -19.48 17.16
N LYS A 85 1.73 -19.48 16.72
CA LYS A 85 2.93 -19.46 17.56
C LYS A 85 3.72 -18.17 17.29
N GLU A 86 4.60 -17.82 18.23
CA GLU A 86 5.53 -16.69 18.10
C GLU A 86 6.96 -17.17 18.34
N CYS A 87 7.93 -16.43 17.77
N CYS A 87 7.93 -16.44 17.78
CA CYS A 87 9.38 -16.64 17.92
CA CYS A 87 9.36 -16.59 18.10
C CYS A 87 10.09 -15.32 17.61
C CYS A 87 10.08 -15.34 17.65
N LEU A 88 11.12 -14.97 18.39
CA LEU A 88 11.95 -13.79 18.11
C LEU A 88 12.63 -14.00 16.75
N ALA A 89 12.72 -12.93 15.94
CA ALA A 89 13.29 -12.94 14.59
C ALA A 89 14.68 -13.60 14.56
N LYS A 90 15.56 -13.22 15.49
CA LYS A 90 16.92 -13.75 15.56
C LYS A 90 16.97 -15.25 15.87
N ASP A 91 15.88 -15.79 16.46
CA ASP A 91 15.79 -17.21 16.87
C ASP A 91 15.06 -18.08 15.83
N PHE A 92 14.33 -17.47 14.89
CA PHE A 92 13.46 -18.21 13.97
C PHE A 92 14.28 -19.14 13.07
N GLU A 93 13.92 -20.43 13.10
CA GLU A 93 14.51 -21.47 12.23
C GLU A 93 13.41 -22.01 11.31
N PRO A 94 13.51 -21.76 9.99
CA PRO A 94 12.47 -22.23 9.07
C PRO A 94 12.39 -23.76 9.05
N SER A 95 11.17 -24.26 8.87
CA SER A 95 10.87 -25.69 8.73
C SER A 95 9.61 -25.84 7.85
N GLU A 96 9.47 -27.01 7.23
CA GLU A 96 8.35 -27.31 6.32
C GLU A 96 6.99 -27.30 7.03
N ASP A 97 7.02 -27.40 8.38
CA ASP A 97 5.81 -27.48 9.22
C ASP A 97 5.46 -26.13 9.88
N LYS A 98 6.26 -25.08 9.64
CA LYS A 98 5.99 -23.72 10.12
C LYS A 98 5.65 -22.81 8.94
N TYR A 99 4.53 -22.09 9.03
CA TYR A 99 3.94 -21.31 7.94
C TYR A 99 3.75 -19.86 8.35
N PHE A 100 4.26 -18.93 7.54
CA PHE A 100 3.97 -17.49 7.69
C PHE A 100 2.57 -17.21 7.11
N ILE A 101 1.95 -16.13 7.59
CA ILE A 101 0.52 -15.83 7.35
C ILE A 101 0.41 -14.61 6.44
N ILE A 102 -0.01 -14.84 5.18
CA ILE A 102 -0.32 -13.82 4.17
C ILE A 102 -1.85 -13.61 4.16
N VAL A 103 -2.26 -12.35 3.99
CA VAL A 103 -3.67 -11.93 3.94
C VAL A 103 -3.92 -11.41 2.51
N GLU A 104 -4.66 -12.17 1.70
CA GLU A 104 -4.80 -11.89 0.25
C GLU A 104 -6.16 -11.26 -0.06
N GLY A 105 -6.16 -10.30 -0.99
CA GLY A 105 -7.36 -9.64 -1.51
C GLY A 105 -7.95 -8.66 -0.50
N SER A 106 -9.26 -8.39 -0.64
CA SER A 106 -10.02 -7.44 0.19
C SER A 106 -10.87 -8.11 1.27
N HIS A 107 -10.98 -9.45 1.22
CA HIS A 107 -11.87 -10.24 2.08
C HIS A 107 -11.12 -10.92 3.25
N MET A 108 -9.86 -10.52 3.48
N MET A 108 -9.86 -10.53 3.46
CA MET A 108 -9.00 -11.04 4.57
CA MET A 108 -8.97 -11.03 4.53
C MET A 108 -8.79 -12.55 4.47
C MET A 108 -8.79 -12.54 4.47
N GLN A 109 -8.51 -13.05 3.27
CA GLN A 109 -8.30 -14.50 3.02
C GLN A 109 -6.88 -14.87 3.48
N ILE A 110 -6.77 -15.87 4.36
CA ILE A 110 -5.48 -16.34 4.90
C ILE A 110 -4.83 -17.34 3.95
N LYS A 111 -3.59 -17.06 3.53
CA LYS A 111 -2.74 -17.97 2.76
C LYS A 111 -1.48 -18.28 3.56
N ARG A 112 -1.26 -19.58 3.85
CA ARG A 112 -0.14 -20.04 4.68
C ARG A 112 0.96 -20.54 3.73
N ILE A 113 2.14 -19.93 3.81
CA ILE A 113 3.31 -20.28 2.97
C ILE A 113 4.37 -20.93 3.85
N LYS A 114 5.03 -21.97 3.33
CA LYS A 114 6.11 -22.67 4.03
C LYS A 114 7.24 -21.68 4.34
N SER A 115 7.67 -21.63 5.60
CA SER A 115 8.75 -20.73 6.06
C SER A 115 10.06 -21.02 5.30
N THR A 116 10.22 -22.27 4.85
N THR A 116 10.23 -22.27 4.84
CA THR A 116 11.40 -22.70 4.07
CA THR A 116 11.40 -22.70 4.07
C THR A 116 11.42 -22.08 2.66
C THR A 116 11.42 -22.08 2.66
N ASP A 117 10.33 -21.39 2.27
CA ASP A 117 10.25 -20.64 1.00
C ASP A 117 10.65 -19.18 1.22
N VAL A 118 11.05 -18.83 2.46
CA VAL A 118 11.33 -17.43 2.88
C VAL A 118 12.80 -17.35 3.31
N LYS A 119 13.58 -16.62 2.52
CA LYS A 119 15.00 -16.31 2.76
C LYS A 119 15.10 -15.34 3.96
N ILE A 120 16.09 -15.55 4.82
N ILE A 120 16.10 -15.56 4.82
CA ILE A 120 16.34 -14.70 6.00
CA ILE A 120 16.35 -14.71 6.01
C ILE A 120 17.75 -14.08 5.89
C ILE A 120 17.74 -14.08 5.90
N THR A 121 17.81 -12.75 5.92
CA THR A 121 19.05 -11.95 5.89
C THR A 121 19.15 -11.18 7.21
N HIS A 122 20.28 -11.36 7.92
CA HIS A 122 20.65 -10.55 9.11
C HIS A 122 21.73 -9.57 8.65
N THR A 123 21.40 -8.27 8.69
CA THR A 123 22.25 -7.19 8.17
C THR A 123 22.62 -6.23 9.29
N LYS A 124 23.91 -5.82 9.33
CA LYS A 124 24.37 -4.61 10.01
C LYS A 124 24.15 -3.45 9.03
N LEU A 125 23.30 -2.49 9.42
CA LEU A 125 23.02 -1.28 8.62
C LEU A 125 24.23 -0.35 8.69
N ASP A 126 24.50 0.36 7.58
CA ASP A 126 25.64 1.28 7.47
C ASP A 126 25.51 2.42 8.49
N GLU A 127 24.27 2.87 8.74
CA GLU A 127 23.97 3.93 9.72
C GLU A 127 22.68 3.59 10.50
N PRO A 128 22.57 4.07 11.76
CA PRO A 128 21.34 3.85 12.53
C PRO A 128 20.11 4.40 11.81
N THR A 129 18.95 3.76 11.99
CA THR A 129 17.66 4.24 11.49
C THR A 129 16.54 3.90 12.48
N GLU A 130 15.39 4.55 12.36
CA GLU A 130 14.28 4.39 13.31
C GLU A 130 13.54 3.09 12.99
N PHE A 131 13.19 2.35 14.06
CA PHE A 131 12.24 1.22 14.04
C PHE A 131 11.06 1.59 14.96
N HIS A 132 9.86 1.15 14.58
CA HIS A 132 8.62 1.46 15.30
C HIS A 132 7.91 0.13 15.64
N ALA A 133 7.12 0.16 16.73
CA ALA A 133 6.35 -1.00 17.23
C ALA A 133 4.99 -0.55 17.76
N LEU A 134 3.99 -1.44 17.68
CA LEU A 134 2.64 -1.25 18.25
C LEU A 134 2.32 -2.40 19.20
N SER A 135 1.52 -2.11 20.24
CA SER A 135 0.84 -3.13 21.05
C SER A 135 -0.65 -3.10 20.69
N VAL A 136 -1.20 -4.27 20.38
CA VAL A 136 -2.65 -4.48 20.17
C VAL A 136 -3.10 -5.69 21.00
N PRO A 137 -4.36 -5.70 21.52
CA PRO A 137 -4.86 -6.81 22.33
C PRO A 137 -4.65 -8.22 21.75
N GLY A 138 -4.80 -8.38 20.43
CA GLY A 138 -4.66 -9.67 19.75
C GLY A 138 -3.22 -10.14 19.65
N LYS A 139 -2.27 -9.23 19.95
CA LYS A 139 -0.82 -9.49 20.03
C LYS A 139 -0.15 -9.64 18.66
N SER A 140 -0.90 -9.35 17.58
CA SER A 140 -0.36 -9.34 16.20
C SER A 140 -1.27 -8.48 15.31
N PHE A 141 -0.70 -7.92 14.24
CA PHE A 141 -1.43 -7.02 13.30
C PHE A 141 -0.89 -7.19 11.88
N VAL A 142 -1.61 -6.62 10.91
CA VAL A 142 -1.34 -6.81 9.47
C VAL A 142 -0.50 -5.64 8.96
N VAL A 143 0.61 -5.96 8.28
CA VAL A 143 1.49 -4.98 7.62
C VAL A 143 1.43 -5.22 6.10
N THR A 144 1.64 -4.15 5.32
CA THR A 144 1.70 -4.17 3.85
C THR A 144 3.12 -3.79 3.42
N ASP A 145 3.74 -4.62 2.57
N ASP A 145 3.73 -4.63 2.56
CA ASP A 145 5.09 -4.39 2.05
CA ASP A 145 5.09 -4.45 2.02
C ASP A 145 5.03 -3.47 0.82
C ASP A 145 5.03 -3.48 0.82
N GLU A 146 6.21 -3.18 0.24
CA GLU A 146 6.36 -2.28 -0.93
C GLU A 146 5.63 -2.78 -2.19
N HIS A 147 5.29 -4.09 -2.23
CA HIS A 147 4.63 -4.75 -3.36
C HIS A 147 3.13 -5.02 -3.11
N GLY A 148 2.56 -4.36 -2.09
CA GLY A 148 1.14 -4.42 -1.79
C GLY A 148 0.70 -5.70 -1.09
N ASN A 149 1.64 -6.57 -0.69
CA ASN A 149 1.32 -7.85 -0.03
C ASN A 149 1.14 -7.61 1.47
N ARG A 150 0.08 -8.18 2.04
CA ARG A 150 -0.24 -8.07 3.46
C ARG A 150 0.11 -9.39 4.17
N SER A 151 0.64 -9.29 5.39
CA SER A 151 1.04 -10.44 6.22
C SER A 151 0.88 -10.09 7.70
N VAL A 152 0.83 -11.12 8.56
CA VAL A 152 0.66 -10.96 10.01
C VAL A 152 2.06 -10.88 10.61
N THR A 153 2.29 -9.91 11.50
CA THR A 153 3.56 -9.74 12.22
C THR A 153 3.25 -9.51 13.71
N GLY A 154 4.21 -9.81 14.59
CA GLY A 154 4.02 -9.65 16.04
C GLY A 154 3.92 -8.20 16.49
N ALA A 155 3.04 -7.95 17.46
CA ALA A 155 2.99 -6.71 18.26
C ALA A 155 4.01 -6.82 19.40
N SER A 156 4.39 -5.68 19.99
CA SER A 156 5.24 -5.64 21.19
C SER A 156 4.35 -5.94 22.41
N MET A 157 4.87 -6.73 23.34
CA MET A 157 4.10 -7.21 24.51
C MET A 157 4.24 -6.25 25.68
N ASP B 5 -18.09 10.18 -13.31
CA ASP B 5 -18.01 10.63 -14.73
C ASP B 5 -16.54 10.78 -15.15
N GLU B 6 -15.75 11.55 -14.38
CA GLU B 6 -14.28 11.58 -14.48
C GLU B 6 -13.64 11.02 -13.19
N ALA B 7 -14.24 9.92 -12.69
CA ALA B 7 -13.95 9.32 -11.38
C ALA B 7 -13.04 8.09 -11.49
N LEU B 8 -12.64 7.54 -10.33
CA LEU B 8 -11.79 6.34 -10.21
C LEU B 8 -12.58 5.27 -9.47
N LEU B 9 -12.34 4.00 -9.80
CA LEU B 9 -13.03 2.84 -9.18
C LEU B 9 -12.74 2.83 -7.67
N VAL B 10 -13.76 2.49 -6.88
CA VAL B 10 -13.69 2.38 -5.40
C VAL B 10 -12.52 1.47 -5.02
N GLY B 11 -11.85 1.79 -3.90
CA GLY B 11 -10.76 0.98 -3.37
C GLY B 11 -9.44 1.25 -4.06
N THR B 12 -9.44 2.12 -5.08
CA THR B 12 -8.22 2.80 -5.56
C THR B 12 -7.63 3.52 -4.35
N LYS B 13 -6.36 3.26 -4.04
CA LYS B 13 -5.67 3.93 -2.93
C LYS B 13 -5.06 5.24 -3.44
N VAL B 14 -5.24 6.32 -2.67
CA VAL B 14 -4.68 7.65 -2.95
C VAL B 14 -3.55 7.90 -1.95
N THR B 15 -2.37 8.24 -2.46
CA THR B 15 -1.17 8.48 -1.63
C THR B 15 -1.34 9.82 -0.93
N THR B 16 -1.21 9.79 0.40
CA THR B 16 -1.35 10.95 1.28
C THR B 16 -0.05 11.09 2.09
N LYS B 17 0.03 12.11 2.94
CA LYS B 17 1.19 12.36 3.80
C LYS B 17 1.44 11.21 4.79
N ALA B 18 0.39 10.47 5.15
CA ALA B 18 0.47 9.41 6.18
C ALA B 18 0.66 8.01 5.58
N GLY B 19 0.34 7.84 4.29
CA GLY B 19 0.39 6.52 3.63
C GLY B 19 -0.56 6.46 2.45
N ASP B 20 -1.12 5.27 2.17
CA ASP B 20 -1.98 5.02 0.99
C ASP B 20 -3.42 4.73 1.46
N LYS B 21 -4.32 5.69 1.24
CA LYS B 21 -5.69 5.70 1.80
C LYS B 21 -6.71 5.39 0.70
N ASN B 22 -7.56 4.40 0.95
CA ASN B 22 -8.70 4.05 0.08
C ASN B 22 -9.44 5.35 -0.29
N ILE B 23 -9.59 5.59 -1.60
CA ILE B 23 -10.13 6.85 -2.13
C ILE B 23 -11.50 7.19 -1.51
N GLU B 24 -12.34 6.17 -1.25
CA GLU B 24 -13.69 6.37 -0.67
C GLU B 24 -13.63 6.96 0.75
N ASN B 25 -12.46 6.90 1.39
CA ASN B 25 -12.23 7.45 2.74
C ASN B 25 -11.56 8.84 2.71
N ILE B 26 -11.15 9.31 1.52
CA ILE B 26 -10.52 10.64 1.39
C ILE B 26 -11.56 11.74 1.70
N THR B 27 -11.19 12.69 2.57
CA THR B 27 -11.97 13.90 2.86
C THR B 27 -11.16 15.14 2.45
N LEU B 28 -11.75 16.32 2.64
CA LEU B 28 -11.13 17.60 2.32
C LEU B 28 -10.03 17.89 3.36
N GLU B 29 -10.03 17.15 4.47
CA GLU B 29 -9.03 17.29 5.54
C GLU B 29 -7.74 16.51 5.26
N ASP B 30 -7.78 15.57 4.29
N ASP B 30 -7.80 15.59 4.29
CA ASP B 30 -6.62 14.75 3.94
CA ASP B 30 -6.67 14.73 3.88
C ASP B 30 -5.60 15.59 3.16
C ASP B 30 -5.61 15.58 3.14
N GLU B 31 -4.34 15.15 3.21
CA GLU B 31 -3.21 15.84 2.55
C GLU B 31 -2.68 14.91 1.45
N VAL B 32 -3.19 15.10 0.23
CA VAL B 32 -2.98 14.19 -0.91
C VAL B 32 -1.73 14.60 -1.68
N LEU B 33 -0.92 13.61 -2.11
CA LEU B 33 0.26 13.86 -2.94
C LEU B 33 -0.20 14.25 -4.34
N GLN B 34 -0.07 15.54 -4.66
CA GLN B 34 -0.43 16.09 -5.97
C GLN B 34 0.84 16.24 -6.81
N PHE B 35 0.66 16.31 -8.13
CA PHE B 35 1.72 16.53 -9.13
C PHE B 35 1.29 17.75 -9.96
N ASP B 36 2.10 18.81 -9.95
CA ASP B 36 1.82 20.01 -10.75
C ASP B 36 2.19 19.72 -12.21
N MET B 37 1.19 19.78 -13.10
CA MET B 37 1.34 19.48 -14.53
C MET B 37 2.28 20.48 -15.24
N ASN B 38 2.32 21.72 -14.73
CA ASN B 38 3.16 22.80 -15.31
C ASN B 38 4.63 22.67 -14.87
N THR B 39 4.87 22.36 -13.58
CA THR B 39 6.21 22.43 -12.96
C THR B 39 6.84 21.06 -12.69
N LYS B 40 6.01 19.99 -12.68
CA LYS B 40 6.41 18.59 -12.41
C LYS B 40 6.81 18.39 -10.94
N ASP B 41 6.45 19.34 -10.07
CA ASP B 41 6.78 19.30 -8.63
C ASP B 41 5.68 18.53 -7.88
N PHE B 42 6.12 17.76 -6.86
CA PHE B 42 5.23 17.02 -5.95
C PHE B 42 5.04 17.83 -4.66
N SER B 43 3.83 17.83 -4.13
CA SER B 43 3.50 18.49 -2.85
C SER B 43 2.21 17.89 -2.29
N TYR B 44 1.96 18.10 -1.00
CA TYR B 44 0.76 17.58 -0.31
C TYR B 44 -0.22 18.74 -0.11
N THR B 45 -1.44 18.59 -0.66
CA THR B 45 -2.48 19.62 -0.63
C THR B 45 -3.80 18.97 -0.22
N ASN B 46 -4.73 19.77 0.30
CA ASN B 46 -6.09 19.32 0.62
C ASN B 46 -6.91 19.26 -0.68
N PRO B 47 -7.69 18.17 -0.89
CA PRO B 47 -8.68 18.19 -1.96
C PRO B 47 -9.67 19.33 -1.70
N THR B 48 -10.13 20.01 -2.76
CA THR B 48 -11.16 21.04 -2.67
C THR B 48 -12.57 20.44 -2.92
N LYS B 49 -12.63 19.23 -3.52
CA LYS B 49 -13.91 18.50 -3.76
C LYS B 49 -13.67 17.00 -3.76
N THR B 50 -14.56 16.25 -3.11
CA THR B 50 -14.66 14.80 -3.25
C THR B 50 -16.04 14.51 -3.86
N GLN B 51 -16.13 13.42 -4.63
CA GLN B 51 -17.36 13.06 -5.35
C GLN B 51 -17.55 11.53 -5.27
N LYS B 52 -18.81 11.12 -5.09
CA LYS B 52 -19.24 9.72 -5.00
C LYS B 52 -20.30 9.52 -6.07
N VAL B 53 -20.05 8.61 -7.02
CA VAL B 53 -20.99 8.30 -8.13
C VAL B 53 -21.04 6.77 -8.32
N ILE B 54 -22.18 6.24 -8.75
CA ILE B 54 -22.36 4.79 -9.03
C ILE B 54 -22.56 4.60 -10.55
N ARG B 55 -21.62 3.89 -11.19
CA ARG B 55 -21.61 3.64 -12.65
C ARG B 55 -21.32 2.15 -12.92
N ASP B 56 -21.44 1.73 -14.18
CA ASP B 56 -21.28 0.32 -14.59
C ASP B 56 -20.41 0.18 -15.85
N GLU B 57 -19.55 1.16 -16.13
CA GLU B 57 -18.55 1.01 -17.20
C GLU B 57 -17.22 1.62 -16.76
N ILE B 58 -16.12 1.01 -17.20
CA ILE B 58 -14.78 1.28 -16.69
C ILE B 58 -13.76 1.08 -17.81
N TYR B 59 -12.67 1.86 -17.76
CA TYR B 59 -11.47 1.72 -18.59
C TYR B 59 -10.31 1.28 -17.69
N HIS B 60 -9.76 0.09 -17.96
CA HIS B 60 -8.68 -0.53 -17.19
C HIS B 60 -7.41 -0.50 -18.02
N PHE B 61 -6.48 0.38 -17.62
CA PHE B 61 -5.13 0.50 -18.18
C PHE B 61 -4.19 -0.38 -17.35
N GLU B 62 -3.45 -1.29 -17.99
CA GLU B 62 -2.62 -2.28 -17.29
C GLU B 62 -1.38 -2.65 -18.10
N GLY B 63 -0.20 -2.54 -17.45
CA GLY B 63 1.06 -2.99 -18.02
C GLY B 63 2.25 -2.37 -17.30
N ALA B 64 3.26 -3.20 -17.00
CA ALA B 64 4.60 -2.79 -16.58
C ALA B 64 4.57 -1.86 -15.36
N GLY B 65 3.85 -2.27 -14.31
CA GLY B 65 3.77 -1.54 -13.04
C GLY B 65 2.76 -0.40 -13.03
N PHE B 66 2.01 -0.23 -14.13
CA PHE B 66 0.95 0.79 -14.25
C PHE B 66 -0.39 0.05 -14.27
N ASP B 67 -1.27 0.42 -13.33
CA ASP B 67 -2.65 -0.06 -13.29
C ASP B 67 -3.54 1.08 -12.80
N GLN B 68 -4.46 1.52 -13.66
CA GLN B 68 -5.52 2.48 -13.31
C GLN B 68 -6.86 1.96 -13.85
N LYS B 69 -7.89 1.97 -12.97
CA LYS B 69 -9.27 1.61 -13.29
C LYS B 69 -10.11 2.87 -13.10
N VAL B 70 -10.62 3.41 -14.21
CA VAL B 70 -11.13 4.79 -14.28
C VAL B 70 -12.42 4.85 -15.09
N SER B 71 -13.21 5.93 -14.89
N SER B 71 -13.21 5.93 -14.88
CA SER B 71 -14.43 6.22 -15.64
CA SER B 71 -14.44 6.21 -15.64
C SER B 71 -14.07 6.67 -17.06
C SER B 71 -14.07 6.66 -17.06
N PRO B 72 -15.01 6.55 -18.04
CA PRO B 72 -14.73 6.94 -19.42
C PRO B 72 -14.13 8.35 -19.61
N ASN B 73 -14.61 9.33 -18.84
CA ASN B 73 -14.24 10.75 -18.98
C ASN B 73 -13.18 11.16 -17.96
N HIS B 74 -12.57 10.18 -17.30
CA HIS B 74 -11.46 10.43 -16.36
C HIS B 74 -10.26 10.97 -17.16
N ARG B 75 -9.55 11.96 -16.61
CA ARG B 75 -8.37 12.55 -17.23
C ARG B 75 -7.15 11.66 -16.96
N MET B 76 -6.61 11.07 -18.04
CA MET B 76 -5.34 10.35 -17.99
C MET B 76 -4.22 11.36 -18.22
N ILE B 77 -3.14 11.25 -17.43
CA ILE B 77 -1.96 12.14 -17.46
C ILE B 77 -0.79 11.35 -18.05
N TYR B 78 -0.08 11.94 -19.02
CA TYR B 78 1.07 11.31 -19.69
C TYR B 78 2.09 12.41 -20.06
N GLU B 79 3.34 11.99 -20.33
CA GLU B 79 4.41 12.87 -20.81
C GLU B 79 4.66 12.56 -22.28
N GLN B 80 4.83 13.62 -23.09
CA GLN B 80 5.22 13.54 -24.52
C GLN B 80 6.05 14.79 -24.86
N GLY B 81 7.22 14.58 -25.48
CA GLY B 81 8.19 15.64 -25.76
C GLY B 81 8.58 16.45 -24.53
N GLY B 82 8.59 15.81 -23.36
CA GLY B 82 9.03 16.41 -22.10
C GLY B 82 8.02 17.35 -21.45
N GLU B 83 6.80 17.42 -22.03
CA GLU B 83 5.68 18.20 -21.49
C GLU B 83 4.63 17.23 -20.91
N ILE B 84 3.88 17.66 -19.89
CA ILE B 84 2.78 16.87 -19.28
C ILE B 84 1.48 17.21 -20.00
N LYS B 85 0.79 16.17 -20.50
CA LYS B 85 -0.45 16.28 -21.28
C LYS B 85 -1.57 15.53 -20.57
N GLU B 86 -2.82 15.83 -20.92
CA GLU B 86 -4.01 15.12 -20.43
C GLU B 86 -4.88 14.69 -21.61
N CYS B 87 -5.63 13.60 -21.41
CA CYS B 87 -6.55 13.03 -22.40
C CYS B 87 -7.61 12.23 -21.64
N LEU B 88 -8.89 12.40 -22.01
CA LEU B 88 -9.98 11.58 -21.47
C LEU B 88 -9.67 10.10 -21.76
N ALA B 89 -9.90 9.23 -20.77
CA ALA B 89 -9.58 7.79 -20.83
C ALA B 89 -10.11 7.14 -22.10
N LYS B 90 -11.37 7.40 -22.43
CA LYS B 90 -12.05 6.83 -23.62
C LYS B 90 -11.40 7.29 -24.95
N ASP B 91 -10.69 8.43 -24.92
CA ASP B 91 -10.07 9.01 -26.12
C ASP B 91 -8.60 8.61 -26.28
N PHE B 92 -7.94 8.17 -25.20
CA PHE B 92 -6.48 7.94 -25.19
C PHE B 92 -6.07 6.91 -26.25
N GLU B 93 -5.12 7.31 -27.09
CA GLU B 93 -4.47 6.46 -28.11
C GLU B 93 -3.00 6.26 -27.72
N PRO B 94 -2.59 5.01 -27.42
CA PRO B 94 -1.18 4.75 -27.10
C PRO B 94 -0.24 5.01 -28.30
N SER B 95 0.96 5.51 -28.02
CA SER B 95 2.05 5.67 -29.01
C SER B 95 3.41 5.53 -28.30
N GLU B 96 4.46 5.24 -29.07
CA GLU B 96 5.83 5.00 -28.56
C GLU B 96 6.41 6.22 -27.84
N ASP B 97 5.84 7.41 -28.12
CA ASP B 97 6.33 8.71 -27.65
C ASP B 97 5.46 9.32 -26.55
N LYS B 98 4.41 8.59 -26.12
CA LYS B 98 3.54 8.97 -24.99
C LYS B 98 3.80 8.00 -23.82
N TYR B 99 4.12 8.55 -22.65
CA TYR B 99 4.58 7.80 -21.47
C TYR B 99 3.68 8.13 -20.26
N PHE B 100 3.15 7.10 -19.61
CA PHE B 100 2.48 7.23 -18.29
C PHE B 100 3.54 7.42 -17.21
N ILE B 101 3.17 8.06 -16.10
CA ILE B 101 4.11 8.49 -15.05
C ILE B 101 3.97 7.60 -13.81
N ILE B 102 4.98 6.75 -13.57
CA ILE B 102 5.14 5.94 -12.35
C ILE B 102 6.05 6.74 -11.39
N VAL B 103 5.74 6.67 -10.09
CA VAL B 103 6.51 7.35 -9.03
C VAL B 103 7.15 6.26 -8.17
N GLU B 104 8.46 6.05 -8.33
CA GLU B 104 9.18 4.90 -7.79
C GLU B 104 9.99 5.30 -6.54
N GLY B 105 10.05 4.39 -5.55
CA GLY B 105 10.80 4.59 -4.30
C GLY B 105 10.13 5.63 -3.41
N SER B 106 10.89 6.07 -2.38
CA SER B 106 10.43 7.00 -1.33
C SER B 106 10.84 8.45 -1.60
N HIS B 107 11.70 8.66 -2.62
CA HIS B 107 12.23 9.97 -3.02
C HIS B 107 11.48 10.54 -4.24
N MET B 108 10.38 9.88 -4.62
CA MET B 108 9.43 10.35 -5.65
C MET B 108 10.10 10.54 -7.01
N GLN B 109 10.95 9.57 -7.39
CA GLN B 109 11.62 9.50 -8.70
C GLN B 109 10.57 9.14 -9.77
N ILE B 110 10.47 9.97 -10.82
CA ILE B 110 9.58 9.75 -11.98
C ILE B 110 10.19 8.65 -12.87
N LYS B 111 9.38 7.65 -13.23
CA LYS B 111 9.73 6.62 -14.22
C LYS B 111 8.70 6.68 -15.36
N ARG B 112 9.17 6.84 -16.59
CA ARG B 112 8.33 6.95 -17.80
C ARG B 112 8.16 5.55 -18.39
N ILE B 113 6.90 5.12 -18.59
CA ILE B 113 6.58 3.79 -19.16
C ILE B 113 5.82 3.96 -20.48
N LYS B 114 6.29 3.26 -21.52
CA LYS B 114 5.73 3.28 -22.89
C LYS B 114 4.22 2.97 -22.79
N SER B 115 3.39 3.89 -23.29
CA SER B 115 1.92 3.71 -23.31
C SER B 115 1.54 2.49 -24.16
N THR B 116 2.39 2.14 -25.13
CA THR B 116 2.21 0.98 -26.00
C THR B 116 2.50 -0.34 -25.26
N ASP B 117 3.05 -0.25 -24.03
CA ASP B 117 3.25 -1.40 -23.13
C ASP B 117 2.03 -1.58 -22.20
N VAL B 118 1.01 -0.72 -22.37
CA VAL B 118 -0.15 -0.67 -21.45
C VAL B 118 -1.43 -1.03 -22.24
N LYS B 119 -1.99 -2.20 -21.91
CA LYS B 119 -3.26 -2.72 -22.43
C LYS B 119 -4.42 -1.84 -21.93
N ILE B 120 -5.42 -1.63 -22.79
CA ILE B 120 -6.63 -0.85 -22.46
C ILE B 120 -7.85 -1.75 -22.68
N THR B 121 -8.65 -1.91 -21.62
CA THR B 121 -9.89 -2.71 -21.61
C THR B 121 -11.04 -1.79 -21.24
N HIS B 122 -12.09 -1.77 -22.07
CA HIS B 122 -13.35 -1.06 -21.79
C HIS B 122 -14.40 -2.12 -21.46
N THR B 123 -14.86 -2.12 -20.21
CA THR B 123 -15.74 -3.16 -19.65
C THR B 123 -17.08 -2.54 -19.24
N LYS B 124 -18.18 -3.23 -19.59
CA LYS B 124 -19.49 -3.08 -18.95
C LYS B 124 -19.48 -4.01 -17.72
N LEU B 125 -19.44 -3.42 -16.52
CA LEU B 125 -19.44 -4.15 -15.24
C LEU B 125 -20.79 -4.87 -15.07
N ASP B 126 -20.76 -6.05 -14.42
CA ASP B 126 -21.93 -6.93 -14.25
C ASP B 126 -22.97 -6.32 -13.31
N GLU B 127 -22.51 -5.44 -12.41
CA GLU B 127 -23.39 -4.67 -11.50
C GLU B 127 -22.76 -3.29 -11.25
N PRO B 128 -23.60 -2.25 -11.08
CA PRO B 128 -23.10 -0.92 -10.75
C PRO B 128 -22.23 -0.95 -9.48
N THR B 129 -21.25 -0.06 -9.40
CA THR B 129 -20.38 0.07 -8.23
C THR B 129 -19.92 1.53 -8.08
N GLU B 130 -19.38 1.83 -6.88
CA GLU B 130 -18.94 3.18 -6.48
C GLU B 130 -17.67 3.57 -7.23
N PHE B 131 -17.69 4.78 -7.81
CA PHE B 131 -16.50 5.50 -8.32
C PHE B 131 -16.39 6.79 -7.51
N HIS B 132 -15.16 7.22 -7.26
CA HIS B 132 -14.84 8.43 -6.48
C HIS B 132 -13.91 9.35 -7.30
N ALA B 133 -14.06 10.66 -7.13
CA ALA B 133 -13.23 11.69 -7.78
C ALA B 133 -12.74 12.73 -6.76
N LEU B 134 -11.53 13.27 -6.95
CA LEU B 134 -10.93 14.36 -6.14
C LEU B 134 -10.50 15.51 -7.05
N SER B 135 -10.69 16.75 -6.59
CA SER B 135 -10.06 17.93 -7.19
C SER B 135 -8.93 18.37 -6.27
N VAL B 136 -7.75 18.56 -6.85
CA VAL B 136 -6.58 19.17 -6.17
C VAL B 136 -6.05 20.31 -7.05
N PRO B 137 -5.46 21.35 -6.44
CA PRO B 137 -4.92 22.49 -7.19
C PRO B 137 -4.03 22.12 -8.39
N GLY B 138 -3.18 21.11 -8.22
CA GLY B 138 -2.21 20.70 -9.25
C GLY B 138 -2.85 19.98 -10.44
N LYS B 139 -4.12 19.59 -10.31
CA LYS B 139 -4.95 18.98 -11.36
C LYS B 139 -4.60 17.50 -11.60
N SER B 140 -3.73 16.93 -10.75
CA SER B 140 -3.32 15.51 -10.81
C SER B 140 -2.73 15.06 -9.46
N PHE B 141 -2.83 13.78 -9.15
CA PHE B 141 -2.36 13.24 -7.86
C PHE B 141 -1.95 11.78 -8.02
N VAL B 142 -1.32 11.24 -6.97
CA VAL B 142 -0.64 9.94 -7.02
C VAL B 142 -1.58 8.89 -6.40
N VAL B 143 -1.78 7.79 -7.13
CA VAL B 143 -2.60 6.63 -6.69
C VAL B 143 -1.69 5.41 -6.61
N THR B 144 -2.04 4.46 -5.73
CA THR B 144 -1.29 3.22 -5.49
C THR B 144 -2.20 2.04 -5.86
N ASP B 145 -1.74 1.19 -6.77
CA ASP B 145 -2.47 0.02 -7.24
C ASP B 145 -2.31 -1.12 -6.22
N GLU B 146 -2.87 -2.28 -6.53
CA GLU B 146 -2.96 -3.45 -5.63
C GLU B 146 -1.57 -4.06 -5.39
N HIS B 147 -0.61 -3.69 -6.24
CA HIS B 147 0.77 -4.21 -6.22
C HIS B 147 1.76 -3.19 -5.65
N GLY B 148 1.24 -2.11 -5.04
CA GLY B 148 2.05 -1.08 -4.38
C GLY B 148 2.74 -0.13 -5.34
N ASN B 149 2.40 -0.17 -6.63
CA ASN B 149 2.98 0.75 -7.63
C ASN B 149 2.22 2.06 -7.58
N ARG B 150 2.94 3.19 -7.53
CA ARG B 150 2.33 4.52 -7.53
C ARG B 150 2.49 5.16 -8.90
N SER B 151 1.47 5.88 -9.35
CA SER B 151 1.43 6.54 -10.67
C SER B 151 0.63 7.84 -10.58
N VAL B 152 0.74 8.70 -11.60
CA VAL B 152 0.02 9.98 -11.62
C VAL B 152 -1.27 9.74 -12.43
N THR B 153 -2.40 10.21 -11.89
CA THR B 153 -3.70 10.20 -12.58
C THR B 153 -4.30 11.61 -12.50
N GLY B 154 -5.21 11.94 -13.43
CA GLY B 154 -5.89 13.25 -13.43
C GLY B 154 -6.87 13.39 -12.28
N ALA B 155 -6.97 14.63 -11.76
CA ALA B 155 -8.03 15.07 -10.85
C ALA B 155 -9.25 15.48 -11.68
N SER B 156 -10.43 15.53 -11.05
CA SER B 156 -11.66 16.02 -11.70
C SER B 156 -11.57 17.55 -11.80
N MET B 157 -11.91 18.09 -12.97
CA MET B 157 -11.64 19.49 -13.33
C MET B 157 -12.64 20.43 -12.70
N HIS B 158 -12.41 20.71 -11.41
CA HIS B 158 -13.20 21.63 -10.57
C HIS B 158 -12.25 22.56 -9.79
I IOD C . 5.72 -4.26 16.53
I IOD D . 6.18 6.69 19.91
I IOD E . 16.79 -4.84 4.53
I IOD F . -10.53 11.90 -10.05
I IOD G . -3.74 5.92 5.40
I IOD H . -18.20 12.68 -1.39
I IOD I . -11.69 -3.82 -14.34
#